data_7S8E
#
_entry.id   7S8E
#
_cell.length_a   65.545
_cell.length_b   65.545
_cell.length_c   238.141
_cell.angle_alpha   90.000
_cell.angle_beta   90.000
_cell.angle_gamma   90.000
#
_symmetry.space_group_name_H-M   'P 41 21 2'
#
loop_
_entity.id
_entity.type
_entity.pdbx_description
1 polymer 'HLA class I histocompatibility antigen, B-7 alpha chain'
2 polymer Beta-2-microglobulin
3 polymer 'MLL cleavage product N320 phosphopeptide'
4 non-polymer GLYCEROL
5 water water
#
loop_
_entity_poly.entity_id
_entity_poly.type
_entity_poly.pdbx_seq_one_letter_code
_entity_poly.pdbx_strand_id
1 'polypeptide(L)'
;GSHSMRYFYTSVSRPGRGEPRFISVGYVDDTQFVRFDSDAASPREEPRAPWIEQEGPEYWDRNTQIYKAQAQTDRESLRN
LRGYYNQSEAGSHTLQSMYGCDVGPDGRLLRGHDQYAYDGKDYIALNEDLRSWTAADTAAQITQRKWEAAREAEQRRAYL
EGECVEWLRRYLENGKDKLERADPPKTHVTHHPISDHEATLRCWALGFYPAEITLTWQRDGEDQTQDTELVETRPAGDRT
FQKWAAVVVPSGEEQRYTCHVQHEGLPKPLTLRWE
;
A
2 'polypeptide(L)'
;MIQRTPKIQVYSRHPAENGKSNFLNCYVSGFHPSDIEVDLLKNGERIEKVEHSDLSFSKDWSFYLLYYTEFTPTEKDEYA
CRVNHVTLSQPKIVKWDRDM
;
B
3 'polypeptide(L)' EPR(SEP)PSHSM E
#
loop_
_chem_comp.id
_chem_comp.type
_chem_comp.name
_chem_comp.formula
GOL non-polymer GLYCEROL 'C3 H8 O3'
#
# COMPACT_ATOMS: atom_id res chain seq x y z
N GLY A 1 21.44 0.27 5.71
CA GLY A 1 20.87 -0.56 4.60
C GLY A 1 20.51 0.32 3.40
N SER A 2 19.99 -0.29 2.33
CA SER A 2 19.40 0.43 1.16
C SER A 2 17.98 0.86 1.53
N HIS A 3 17.55 2.05 1.11
CA HIS A 3 16.23 2.59 1.53
C HIS A 3 15.58 3.37 0.39
N SER A 4 14.30 3.62 0.53
N SER A 4 14.27 3.54 0.48
CA SER A 4 13.49 4.35 -0.47
CA SER A 4 13.44 4.27 -0.52
C SER A 4 12.57 5.33 0.25
C SER A 4 12.55 5.28 0.20
N MET A 5 12.27 6.43 -0.43
CA MET A 5 11.17 7.31 -0.01
C MET A 5 10.22 7.45 -1.20
N ARG A 6 8.93 7.43 -0.94
CA ARG A 6 7.92 7.56 -2.02
C ARG A 6 6.76 8.43 -1.54
N TYR A 7 6.25 9.27 -2.44
CA TYR A 7 4.98 9.99 -2.29
C TYR A 7 4.03 9.43 -3.33
N PHE A 8 2.78 9.20 -2.91
CA PHE A 8 1.72 8.66 -3.79
C PHE A 8 0.55 9.64 -3.73
N TYR A 9 0.22 10.25 -4.85
CA TYR A 9 -0.93 11.17 -4.94
C TYR A 9 -2.04 10.53 -5.74
N THR A 10 -3.28 10.71 -5.29
CA THR A 10 -4.48 10.29 -6.06
C THR A 10 -5.42 11.48 -6.15
N SER A 11 -5.77 11.90 -7.37
CA SER A 11 -6.82 12.92 -7.60
C SER A 11 -7.96 12.25 -8.35
N VAL A 12 -9.16 12.48 -7.89
CA VAL A 12 -10.35 11.88 -8.55
C VAL A 12 -11.36 12.98 -8.84
N SER A 13 -11.70 13.16 -10.11
CA SER A 13 -12.70 14.21 -10.46
C SER A 13 -14.11 13.72 -10.11
N ARG A 14 -15.01 14.67 -9.90
CA ARG A 14 -16.41 14.40 -9.55
C ARG A 14 -17.20 15.57 -10.12
N PRO A 15 -17.26 15.71 -11.45
CA PRO A 15 -17.90 16.87 -12.05
C PRO A 15 -19.36 17.01 -11.58
N GLY A 16 -19.70 18.24 -11.21
CA GLY A 16 -21.04 18.51 -10.64
C GLY A 16 -21.04 18.48 -9.13
N ARG A 17 -20.01 17.91 -8.48
CA ARG A 17 -19.94 17.78 -7.00
C ARG A 17 -18.77 18.57 -6.40
N GLY A 18 -18.14 19.43 -7.21
CA GLY A 18 -17.06 20.33 -6.80
C GLY A 18 -15.71 19.84 -7.27
N GLU A 19 -14.66 20.40 -6.67
CA GLU A 19 -13.27 20.19 -7.13
C GLU A 19 -12.85 18.76 -6.81
N PRO A 20 -11.93 18.19 -7.60
CA PRO A 20 -11.50 16.81 -7.38
C PRO A 20 -10.99 16.59 -5.95
N ARG A 21 -11.20 15.40 -5.42
CA ARG A 21 -10.55 15.02 -4.16
C ARG A 21 -9.08 14.68 -4.42
N PHE A 22 -8.18 15.24 -3.63
CA PHE A 22 -6.73 14.98 -3.67
C PHE A 22 -6.31 14.34 -2.35
N ILE A 23 -5.66 13.19 -2.44
CA ILE A 23 -5.08 12.46 -1.28
C ILE A 23 -3.62 12.21 -1.58
N SER A 24 -2.76 12.49 -0.60
CA SER A 24 -1.34 12.14 -0.66
CA SER A 24 -1.33 12.13 -0.66
C SER A 24 -0.99 11.27 0.55
N VAL A 25 -0.11 10.32 0.32
CA VAL A 25 0.54 9.57 1.41
C VAL A 25 2.04 9.52 1.12
N GLY A 26 2.87 9.51 2.17
CA GLY A 26 4.32 9.36 2.02
C GLY A 26 4.78 8.15 2.77
N TYR A 27 5.76 7.46 2.19
CA TYR A 27 6.37 6.24 2.76
C TYR A 27 7.89 6.37 2.80
N VAL A 28 8.48 5.80 3.86
CA VAL A 28 9.91 5.40 3.89
C VAL A 28 9.89 3.88 3.92
N ASP A 29 10.46 3.25 2.90
CA ASP A 29 10.42 1.77 2.76
C ASP A 29 8.94 1.36 2.86
N ASP A 30 8.57 0.49 3.80
CA ASP A 30 7.17 -0.02 3.94
C ASP A 30 6.41 0.71 5.04
N THR A 31 6.92 1.83 5.53
CA THR A 31 6.34 2.58 6.64
C THR A 31 5.66 3.86 6.13
N GLN A 32 4.35 3.98 6.27
CA GLN A 32 3.66 5.26 5.96
C GLN A 32 3.99 6.27 7.05
N PHE A 33 4.36 7.50 6.69
CA PHE A 33 4.73 8.49 7.72
C PHE A 33 3.93 9.79 7.61
N VAL A 34 3.28 10.10 6.49
CA VAL A 34 2.44 11.34 6.38
C VAL A 34 1.21 11.05 5.53
N ARG A 35 0.19 11.88 5.69
CA ARG A 35 -0.99 11.89 4.80
C ARG A 35 -1.49 13.33 4.63
N PHE A 36 -2.21 13.55 3.55
CA PHE A 36 -3.01 14.77 3.36
C PHE A 36 -4.28 14.38 2.61
N ASP A 37 -5.41 14.96 2.99
CA ASP A 37 -6.72 14.71 2.36
C ASP A 37 -7.43 16.04 2.17
N SER A 38 -7.67 16.42 0.91
CA SER A 38 -8.28 17.73 0.54
C SER A 38 -9.71 17.83 1.06
N ASP A 39 -10.35 16.72 1.40
CA ASP A 39 -11.76 16.71 1.89
C ASP A 39 -11.80 16.76 3.42
N ALA A 40 -10.67 16.72 4.13
CA ALA A 40 -10.64 16.90 5.62
C ALA A 40 -11.22 18.27 5.98
N ALA A 41 -11.75 18.41 7.20
CA ALA A 41 -12.38 19.65 7.72
C ALA A 41 -11.42 20.83 7.57
N SER A 42 -10.18 20.68 8.04
CA SER A 42 -9.08 21.67 7.87
C SER A 42 -7.88 20.95 7.28
N PRO A 43 -7.80 20.78 5.94
CA PRO A 43 -6.75 19.97 5.33
C PRO A 43 -5.33 20.40 5.74
N ARG A 44 -4.55 19.45 6.20
CA ARG A 44 -3.13 19.66 6.57
C ARG A 44 -2.40 18.33 6.48
N GLU A 45 -1.09 18.41 6.26
CA GLU A 45 -0.24 17.21 6.34
C GLU A 45 -0.32 16.75 7.80
N GLU A 46 -0.51 15.45 7.99
CA GLU A 46 -0.60 14.83 9.34
C GLU A 46 0.43 13.73 9.46
N PRO A 47 1.01 13.54 10.68
CA PRO A 47 1.93 12.44 10.91
C PRO A 47 1.17 11.09 10.98
N ARG A 48 1.84 10.04 10.51
CA ARG A 48 1.32 8.66 10.55
C ARG A 48 2.38 7.68 11.04
N ALA A 49 3.54 8.16 11.47
CA ALA A 49 4.60 7.36 12.13
C ALA A 49 5.17 8.20 13.28
N PRO A 50 5.51 7.58 14.42
CA PRO A 50 5.93 8.37 15.58
C PRO A 50 7.17 9.24 15.36
N TRP A 51 8.12 8.76 14.56
CA TRP A 51 9.44 9.41 14.41
C TRP A 51 9.35 10.69 13.57
N ILE A 52 8.25 10.94 12.86
CA ILE A 52 8.14 12.19 12.06
C ILE A 52 7.61 13.31 12.94
N GLU A 53 7.03 12.97 14.10
CA GLU A 53 6.30 13.94 14.97
C GLU A 53 7.27 15.03 15.47
N GLN A 54 8.57 14.74 15.52
CA GLN A 54 9.61 15.69 16.02
C GLN A 54 9.93 16.80 15.00
N GLU A 55 9.47 16.71 13.75
CA GLU A 55 9.65 17.80 12.78
C GLU A 55 8.85 19.02 13.25
N GLY A 56 9.43 20.22 13.12
CA GLY A 56 8.87 21.44 13.71
C GLY A 56 7.70 21.99 12.89
N PRO A 57 7.00 23.03 13.39
CA PRO A 57 5.86 23.60 12.66
C PRO A 57 6.15 24.12 11.23
N GLU A 58 7.37 24.56 10.91
CA GLU A 58 7.72 25.08 9.56
C GLU A 58 7.60 23.94 8.53
N TYR A 59 7.96 22.73 8.93
CA TYR A 59 7.86 21.49 8.09
C TYR A 59 6.39 21.26 7.70
N TRP A 60 5.51 21.13 8.69
CA TRP A 60 4.06 20.82 8.50
C TRP A 60 3.41 21.96 7.70
N ASP A 61 3.80 23.20 7.98
CA ASP A 61 3.20 24.38 7.31
CA ASP A 61 3.18 24.38 7.31
C ASP A 61 3.56 24.38 5.83
N ARG A 62 4.84 24.20 5.52
CA ARG A 62 5.38 24.20 4.15
C ARG A 62 4.70 23.06 3.37
N ASN A 63 4.65 21.88 3.97
CA ASN A 63 4.17 20.69 3.22
C ASN A 63 2.67 20.85 2.94
N THR A 64 1.91 21.33 3.91
CA THR A 64 0.47 21.60 3.77
C THR A 64 0.22 22.55 2.59
N GLN A 65 0.99 23.64 2.50
CA GLN A 65 0.84 24.61 1.39
C GLN A 65 1.14 23.90 0.06
N ILE A 66 2.15 23.03 0.02
CA ILE A 66 2.51 22.29 -1.21
CA ILE A 66 2.54 22.28 -1.20
C ILE A 66 1.35 21.41 -1.64
N TYR A 67 0.75 20.63 -0.74
CA TYR A 67 -0.36 19.73 -1.14
C TYR A 67 -1.56 20.53 -1.64
N LYS A 68 -1.88 21.66 -0.99
CA LYS A 68 -3.02 22.49 -1.42
C LYS A 68 -2.78 23.00 -2.84
N ALA A 69 -1.56 23.43 -3.14
CA ALA A 69 -1.19 23.91 -4.49
C ALA A 69 -1.22 22.73 -5.47
N GLN A 70 -0.72 21.56 -5.06
CA GLN A 70 -0.67 20.39 -5.98
C GLN A 70 -2.11 19.95 -6.29
N ALA A 71 -3.01 20.01 -5.33
CA ALA A 71 -4.43 19.65 -5.58
C ALA A 71 -5.01 20.54 -6.69
N GLN A 72 -4.67 21.82 -6.68
CA GLN A 72 -5.18 22.75 -7.73
C GLN A 72 -4.51 22.44 -9.07
N THR A 73 -3.21 22.11 -9.04
CA THR A 73 -2.47 21.73 -10.26
C THR A 73 -3.08 20.45 -10.86
N ASP A 74 -3.36 19.45 -10.02
CA ASP A 74 -3.97 18.18 -10.50
C ASP A 74 -5.35 18.48 -11.08
N ARG A 75 -6.10 19.41 -10.49
CA ARG A 75 -7.43 19.76 -11.02
C ARG A 75 -7.28 20.30 -12.45
N GLU A 76 -6.30 21.17 -12.66
CA GLU A 76 -5.99 21.69 -14.02
C GLU A 76 -5.57 20.54 -14.94
N SER A 77 -4.72 19.65 -14.46
CA SER A 77 -4.26 18.51 -15.28
C SER A 77 -5.44 17.62 -15.69
N LEU A 78 -6.35 17.29 -14.77
CA LEU A 78 -7.55 16.47 -15.10
C LEU A 78 -8.38 17.15 -16.19
N ARG A 79 -8.58 18.47 -16.09
CA ARG A 79 -9.35 19.22 -17.12
C ARG A 79 -8.60 19.12 -18.46
N ASN A 80 -7.29 19.28 -18.45
CA ASN A 80 -6.49 19.24 -19.70
C ASN A 80 -6.55 17.84 -20.31
N LEU A 81 -6.43 16.79 -19.51
N LEU A 81 -6.37 16.80 -19.49
CA LEU A 81 -6.38 15.39 -20.03
CA LEU A 81 -6.40 15.39 -19.91
C LEU A 81 -7.75 14.96 -20.57
C LEU A 81 -7.73 15.08 -20.61
N ARG A 82 -8.86 15.41 -19.99
CA ARG A 82 -10.15 14.99 -20.60
C ARG A 82 -10.30 15.72 -21.94
N GLY A 83 -9.75 16.93 -22.07
CA GLY A 83 -9.67 17.64 -23.36
C GLY A 83 -8.81 16.88 -24.37
N TYR A 84 -7.62 16.46 -23.97
CA TYR A 84 -6.67 15.74 -24.87
C TYR A 84 -7.33 14.47 -25.41
N TYR A 85 -8.12 13.79 -24.58
CA TYR A 85 -8.73 12.48 -24.92
C TYR A 85 -10.16 12.66 -25.46
N ASN A 86 -10.64 13.89 -25.60
CA ASN A 86 -12.02 14.25 -26.06
C ASN A 86 -13.04 13.44 -25.25
N GLN A 87 -12.90 13.43 -23.93
CA GLN A 87 -13.82 12.67 -23.04
C GLN A 87 -14.96 13.58 -22.57
N SER A 88 -16.08 12.97 -22.19
CA SER A 88 -17.24 13.68 -21.61
C SER A 88 -16.80 14.51 -20.38
N GLU A 89 -17.34 15.71 -20.22
CA GLU A 89 -17.08 16.55 -19.02
C GLU A 89 -17.94 16.08 -17.84
N ALA A 90 -18.80 15.07 -18.01
CA ALA A 90 -19.68 14.57 -16.93
C ALA A 90 -18.98 13.49 -16.09
N GLY A 91 -17.97 12.80 -16.64
CA GLY A 91 -17.44 11.57 -16.03
C GLY A 91 -16.36 11.82 -14.98
N SER A 92 -16.20 10.86 -14.07
CA SER A 92 -15.13 10.85 -13.06
C SER A 92 -13.88 10.16 -13.63
N HIS A 93 -12.73 10.77 -13.45
CA HIS A 93 -11.42 10.26 -13.91
C HIS A 93 -10.42 10.35 -12.78
N THR A 94 -9.34 9.58 -12.91
CA THR A 94 -8.33 9.41 -11.85
C THR A 94 -6.97 9.84 -12.38
N LEU A 95 -6.26 10.69 -11.64
CA LEU A 95 -4.85 11.02 -11.95
C LEU A 95 -4.02 10.56 -10.76
N GLN A 96 -3.08 9.64 -10.97
CA GLN A 96 -2.18 9.16 -9.90
C GLN A 96 -0.76 9.61 -10.19
N SER A 97 -0.03 9.96 -9.14
CA SER A 97 1.37 10.42 -9.23
C SER A 97 2.18 9.58 -8.23
N MET A 98 3.38 9.19 -8.62
N MET A 98 3.32 9.07 -8.67
CA MET A 98 4.26 8.36 -7.76
CA MET A 98 4.27 8.41 -7.76
C MET A 98 5.70 8.80 -7.99
C MET A 98 5.65 9.00 -8.02
N TYR A 99 6.39 9.28 -6.95
CA TYR A 99 7.76 9.79 -7.13
C TYR A 99 8.56 9.55 -5.86
N GLY A 100 9.89 9.58 -6.03
CA GLY A 100 10.81 9.46 -4.89
C GLY A 100 12.14 8.87 -5.28
N CYS A 101 12.92 8.47 -4.28
CA CYS A 101 14.34 8.13 -4.46
C CYS A 101 14.62 6.80 -3.77
N ASP A 102 15.55 6.06 -4.36
CA ASP A 102 16.19 4.85 -3.78
C ASP A 102 17.63 5.26 -3.46
N VAL A 103 18.09 4.97 -2.24
CA VAL A 103 19.48 5.29 -1.82
C VAL A 103 20.15 4.01 -1.33
N GLY A 104 21.47 4.01 -1.37
CA GLY A 104 22.20 2.85 -0.84
C GLY A 104 22.54 3.05 0.62
N PRO A 105 23.35 2.17 1.22
CA PRO A 105 23.74 2.26 2.62
C PRO A 105 24.50 3.55 2.96
N ASP A 106 25.20 4.13 1.98
CA ASP A 106 25.96 5.38 2.17
C ASP A 106 25.06 6.60 1.98
N GLY A 107 23.81 6.39 1.59
CA GLY A 107 22.87 7.49 1.44
C GLY A 107 22.90 8.12 0.07
N ARG A 108 23.67 7.58 -0.84
CA ARG A 108 23.76 8.17 -2.20
C ARG A 108 22.58 7.71 -3.06
N LEU A 109 22.17 8.55 -4.00
CA LEU A 109 21.03 8.21 -4.89
C LEU A 109 21.38 7.05 -5.84
N LEU A 110 20.57 5.99 -5.82
CA LEU A 110 20.71 4.87 -6.78
C LEU A 110 19.76 5.12 -7.94
N ARG A 111 18.57 5.64 -7.66
CA ARG A 111 17.55 5.79 -8.72
C ARG A 111 16.49 6.80 -8.29
N GLY A 112 16.10 7.65 -9.24
CA GLY A 112 14.97 8.57 -9.05
C GLY A 112 13.78 8.10 -9.84
N HIS A 113 12.58 8.43 -9.34
CA HIS A 113 11.28 8.06 -9.96
C HIS A 113 10.34 9.25 -9.96
N ASP A 114 9.63 9.47 -11.06
CA ASP A 114 8.60 10.52 -11.13
C ASP A 114 7.66 10.15 -12.27
N GLN A 115 6.51 9.59 -11.95
CA GLN A 115 5.66 9.07 -13.04
C GLN A 115 4.17 9.14 -12.67
N TYR A 116 3.35 8.95 -13.70
CA TYR A 116 1.92 9.29 -13.64
C TYR A 116 1.07 8.27 -14.40
N ALA A 117 -0.15 8.06 -13.90
CA ALA A 117 -1.15 7.20 -14.58
C ALA A 117 -2.48 7.95 -14.64
N TYR A 118 -3.18 7.81 -15.75
CA TYR A 118 -4.51 8.40 -15.96
C TYR A 118 -5.50 7.25 -16.16
N ASP A 119 -6.54 7.20 -15.33
CA ASP A 119 -7.53 6.12 -15.31
C ASP A 119 -6.80 4.76 -15.26
N GLY A 120 -5.74 4.67 -14.46
CA GLY A 120 -5.05 3.40 -14.17
C GLY A 120 -4.10 2.96 -15.28
N LYS A 121 -3.87 3.77 -16.30
CA LYS A 121 -2.90 3.53 -17.41
C LYS A 121 -1.70 4.45 -17.28
N ASP A 122 -0.50 3.90 -17.42
CA ASP A 122 0.72 4.73 -17.51
C ASP A 122 0.49 5.86 -18.51
N TYR A 123 0.87 7.09 -18.15
CA TYR A 123 0.66 8.30 -18.97
C TYR A 123 2.01 8.87 -19.36
N ILE A 124 2.77 9.34 -18.39
CA ILE A 124 4.12 9.89 -18.68
C ILE A 124 5.02 9.52 -17.50
N ALA A 125 6.30 9.31 -17.77
CA ALA A 125 7.29 8.95 -16.71
C ALA A 125 8.61 9.65 -17.02
N LEU A 126 9.24 10.17 -15.97
CA LEU A 126 10.65 10.63 -16.05
C LEU A 126 11.56 9.41 -16.19
N ASN A 127 12.44 9.42 -17.18
CA ASN A 127 13.34 8.28 -17.43
C ASN A 127 14.41 8.23 -16.32
N GLU A 128 15.09 7.09 -16.21
CA GLU A 128 16.13 6.87 -15.20
C GLU A 128 17.25 7.92 -15.31
N ASP A 129 17.45 8.52 -16.49
CA ASP A 129 18.49 9.57 -16.67
C ASP A 129 18.08 10.87 -15.96
N LEU A 130 16.83 10.98 -15.47
CA LEU A 130 16.26 12.16 -14.79
C LEU A 130 16.29 13.39 -15.69
N ARG A 131 16.33 13.21 -17.02
CA ARG A 131 16.53 14.33 -17.97
C ARG A 131 15.55 14.24 -19.14
N SER A 132 14.88 13.11 -19.35
CA SER A 132 14.02 12.87 -20.52
C SER A 132 12.75 12.14 -20.08
N TRP A 133 11.72 12.18 -20.92
CA TRP A 133 10.38 11.64 -20.62
C TRP A 133 10.05 10.49 -21.55
N THR A 134 9.29 9.52 -21.04
CA THR A 134 8.57 8.51 -21.87
C THR A 134 7.08 8.81 -21.81
N ALA A 135 6.47 9.11 -22.96
CA ALA A 135 5.03 9.42 -23.10
C ALA A 135 4.33 8.20 -23.69
N ALA A 136 3.16 7.83 -23.16
CA ALA A 136 2.42 6.61 -23.55
C ALA A 136 1.74 6.81 -24.90
N ASP A 137 1.38 8.03 -25.27
CA ASP A 137 0.51 8.27 -26.46
C ASP A 137 0.58 9.72 -26.87
N THR A 138 -0.15 10.11 -27.92
CA THR A 138 -0.08 11.49 -28.47
C THR A 138 -0.62 12.51 -27.46
N ALA A 139 -1.52 12.12 -26.55
CA ALA A 139 -1.98 13.03 -25.49
C ALA A 139 -0.80 13.32 -24.56
N ALA A 140 -0.13 12.27 -24.12
CA ALA A 140 1.02 12.38 -23.19
C ALA A 140 2.17 13.14 -23.86
N GLN A 141 2.27 13.12 -25.19
CA GLN A 141 3.27 13.94 -25.94
C GLN A 141 2.95 15.44 -25.84
N ILE A 142 1.68 15.85 -25.71
CA ILE A 142 1.33 17.27 -25.47
C ILE A 142 1.94 17.66 -24.12
N THR A 143 1.72 16.83 -23.11
CA THR A 143 2.31 17.07 -21.78
C THR A 143 3.84 17.10 -21.90
N GLN A 144 4.42 16.14 -22.59
CA GLN A 144 5.88 16.06 -22.74
C GLN A 144 6.44 17.36 -23.32
N ARG A 145 5.84 17.90 -24.39
CA ARG A 145 6.39 19.13 -25.02
C ARG A 145 6.22 20.33 -24.09
N LYS A 146 5.10 20.39 -23.38
CA LYS A 146 4.86 21.46 -22.39
C LYS A 146 5.96 21.38 -21.32
N TRP A 147 6.24 20.18 -20.83
CA TRP A 147 7.21 19.98 -19.72
C TRP A 147 8.65 20.19 -20.21
N GLU A 148 8.95 19.83 -21.44
CA GLU A 148 10.29 20.10 -22.06
C GLU A 148 10.50 21.62 -22.13
N ALA A 149 9.49 22.39 -22.54
CA ALA A 149 9.61 23.86 -22.71
C ALA A 149 9.75 24.53 -21.33
N ALA A 150 9.12 23.96 -20.31
CA ALA A 150 9.08 24.51 -18.93
C ALA A 150 10.27 23.98 -18.11
N ARG A 151 11.14 23.16 -18.69
CA ARG A 151 12.33 22.57 -17.99
C ARG A 151 11.84 21.86 -16.72
N GLU A 152 10.75 21.11 -16.82
CA GLU A 152 10.22 20.33 -15.68
C GLU A 152 11.24 19.28 -15.22
N ALA A 153 11.94 18.59 -16.13
CA ALA A 153 12.85 17.48 -15.74
C ALA A 153 13.91 18.02 -14.77
N GLU A 154 14.40 19.24 -15.01
CA GLU A 154 15.45 19.84 -14.15
C GLU A 154 14.90 20.09 -12.76
N GLN A 155 13.66 20.57 -12.64
CA GLN A 155 12.96 20.80 -11.33
C GLN A 155 12.82 19.46 -10.61
N ARG A 156 12.42 18.40 -11.32
CA ARG A 156 12.23 17.06 -10.73
CA ARG A 156 12.23 17.04 -10.75
C ARG A 156 13.60 16.51 -10.28
N ARG A 157 14.62 16.60 -11.14
CA ARG A 157 15.98 16.07 -10.86
C ARG A 157 16.57 16.77 -9.62
N ALA A 158 16.40 18.10 -9.51
CA ALA A 158 16.93 18.87 -8.37
C ALA A 158 16.34 18.32 -7.06
N TYR A 159 15.03 18.03 -7.08
CA TYR A 159 14.31 17.47 -5.93
C TYR A 159 14.86 16.07 -5.63
N LEU A 160 14.93 15.22 -6.65
CA LEU A 160 15.24 13.78 -6.45
C LEU A 160 16.71 13.63 -5.97
N GLU A 161 17.63 14.44 -6.47
CA GLU A 161 19.08 14.36 -6.11
C GLU A 161 19.36 15.14 -4.83
N GLY A 162 18.48 16.08 -4.45
CA GLY A 162 18.66 17.03 -3.34
C GLY A 162 17.76 16.70 -2.16
N GLU A 163 16.62 17.39 -2.06
CA GLU A 163 15.68 17.29 -0.92
C GLU A 163 15.29 15.82 -0.68
N CYS A 164 15.02 15.05 -1.72
CA CYS A 164 14.53 13.64 -1.54
C CYS A 164 15.59 12.85 -0.74
N VAL A 165 16.83 12.87 -1.24
CA VAL A 165 17.97 12.13 -0.62
C VAL A 165 18.23 12.70 0.78
N GLU A 166 18.27 14.03 0.92
CA GLU A 166 18.66 14.70 2.20
C GLU A 166 17.58 14.45 3.25
N TRP A 167 16.30 14.55 2.88
CA TRP A 167 15.21 14.32 3.84
C TRP A 167 15.06 12.83 4.19
N LEU A 168 15.28 11.92 3.24
CA LEU A 168 15.25 10.46 3.55
C LEU A 168 16.34 10.16 4.59
N ARG A 169 17.54 10.70 4.40
CA ARG A 169 18.68 10.50 5.34
CA ARG A 169 18.67 10.50 5.35
C ARG A 169 18.23 10.98 6.73
N ARG A 170 17.58 12.12 6.81
CA ARG A 170 17.10 12.71 8.08
CA ARG A 170 17.13 12.69 8.11
C ARG A 170 16.09 11.77 8.75
N TYR A 171 15.12 11.28 7.96
CA TYR A 171 14.09 10.37 8.51
C TYR A 171 14.76 9.11 9.04
N LEU A 172 15.77 8.60 8.35
CA LEU A 172 16.45 7.35 8.78
C LEU A 172 17.17 7.61 10.11
N GLU A 173 17.72 8.81 10.30
CA GLU A 173 18.40 9.24 11.55
C GLU A 173 17.38 9.34 12.68
N ASN A 174 16.19 9.89 12.42
CA ASN A 174 15.15 10.12 13.45
C ASN A 174 14.36 8.84 13.71
N GLY A 175 14.23 7.96 12.72
CA GLY A 175 13.47 6.69 12.84
C GLY A 175 14.31 5.55 13.38
N LYS A 176 15.64 5.66 13.30
CA LYS A 176 16.62 4.80 14.01
C LYS A 176 16.22 3.32 13.84
N ASP A 177 15.93 2.63 14.94
CA ASP A 177 15.73 1.15 14.95
C ASP A 177 14.45 0.81 14.20
N LYS A 178 13.44 1.69 14.22
CA LYS A 178 12.14 1.40 13.56
C LYS A 178 12.34 1.25 12.05
N LEU A 179 13.27 1.98 11.44
CA LEU A 179 13.47 1.95 9.96
C LEU A 179 14.68 1.13 9.56
N GLU A 180 15.73 1.07 10.41
CA GLU A 180 17.02 0.46 10.03
C GLU A 180 17.06 -1.05 10.38
N ARG A 181 16.33 -1.46 11.41
CA ARG A 181 16.40 -2.84 11.98
C ARG A 181 15.12 -3.62 11.65
N ALA A 182 15.24 -4.66 10.84
CA ALA A 182 14.10 -5.51 10.44
C ALA A 182 13.56 -6.23 11.68
N ASP A 183 12.25 -6.44 11.72
CA ASP A 183 11.51 -7.11 12.80
C ASP A 183 11.18 -8.50 12.27
N PRO A 184 11.76 -9.57 12.84
CA PRO A 184 11.53 -10.89 12.28
C PRO A 184 10.11 -11.35 12.54
N PRO A 185 9.62 -12.29 11.69
CA PRO A 185 8.31 -12.89 11.92
C PRO A 185 8.30 -13.76 13.19
N LYS A 186 7.13 -13.76 13.83
CA LYS A 186 6.73 -14.70 14.89
C LYS A 186 6.10 -15.83 14.05
N THR A 187 6.52 -17.06 14.25
CA THR A 187 6.14 -18.16 13.35
C THR A 187 5.49 -19.29 14.13
N HIS A 188 4.55 -19.98 13.50
CA HIS A 188 3.99 -21.23 14.06
C HIS A 188 3.29 -22.00 12.96
N VAL A 189 3.09 -23.29 13.19
CA VAL A 189 2.39 -24.19 12.25
C VAL A 189 1.11 -24.66 12.92
N THR A 190 0.00 -24.61 12.18
CA THR A 190 -1.28 -25.17 12.65
C THR A 190 -1.68 -26.32 11.74
N HIS A 191 -2.53 -27.19 12.29
CA HIS A 191 -2.97 -28.46 11.68
C HIS A 191 -4.50 -28.50 11.73
N HIS A 192 -5.11 -28.73 10.57
CA HIS A 192 -6.57 -28.69 10.33
C HIS A 192 -6.98 -29.96 9.57
N PRO A 193 -7.48 -30.99 10.30
CA PRO A 193 -8.02 -32.16 9.62
C PRO A 193 -9.11 -31.76 8.62
N ILE A 194 -9.04 -32.30 7.42
CA ILE A 194 -10.13 -32.15 6.41
C ILE A 194 -11.02 -33.39 6.53
N SER A 195 -10.40 -34.57 6.62
CA SER A 195 -11.07 -35.89 6.70
C SER A 195 -10.21 -36.83 7.54
N ASP A 196 -10.55 -38.11 7.59
CA ASP A 196 -9.73 -39.16 8.24
C ASP A 196 -8.43 -39.36 7.46
N HIS A 197 -8.38 -38.89 6.20
CA HIS A 197 -7.26 -39.19 5.27
C HIS A 197 -6.48 -37.96 4.80
N GLU A 198 -7.01 -36.73 4.96
CA GLU A 198 -6.30 -35.50 4.53
C GLU A 198 -6.32 -34.46 5.65
N ALA A 199 -5.25 -33.67 5.77
CA ALA A 199 -5.19 -32.54 6.72
C ALA A 199 -4.43 -31.38 6.08
N THR A 200 -4.75 -30.17 6.53
CA THR A 200 -4.05 -28.96 6.10
C THR A 200 -2.96 -28.64 7.13
N LEU A 201 -1.73 -28.43 6.66
CA LEU A 201 -0.69 -27.79 7.49
C LEU A 201 -0.60 -26.33 7.03
N ARG A 202 -0.72 -25.40 7.97
CA ARG A 202 -0.62 -23.95 7.68
C ARG A 202 0.56 -23.37 8.45
N CYS A 203 1.46 -22.72 7.73
CA CYS A 203 2.67 -22.07 8.27
C CYS A 203 2.40 -20.57 8.33
N TRP A 204 2.50 -19.98 9.51
CA TRP A 204 2.16 -18.56 9.79
C TRP A 204 3.43 -17.76 10.01
N ALA A 205 3.50 -16.58 9.41
CA ALA A 205 4.49 -15.56 9.73
C ALA A 205 3.74 -14.29 10.12
N LEU A 206 3.90 -13.83 11.37
CA LEU A 206 3.15 -12.69 11.92
C LEU A 206 4.09 -11.63 12.47
N GLY A 207 3.71 -10.35 12.33
CA GLY A 207 4.39 -9.22 13.01
C GLY A 207 5.76 -8.92 12.42
N PHE A 208 5.98 -9.16 11.14
CA PHE A 208 7.31 -8.94 10.51
C PHE A 208 7.34 -7.60 9.77
N TYR A 209 8.55 -7.07 9.63
CA TYR A 209 8.82 -5.80 8.93
C TYR A 209 10.25 -5.87 8.43
N PRO A 210 10.56 -5.56 7.15
CA PRO A 210 9.59 -5.08 6.16
C PRO A 210 8.75 -6.22 5.55
N ALA A 211 7.91 -5.90 4.55
CA ALA A 211 6.90 -6.84 4.01
C ALA A 211 7.54 -8.00 3.24
N GLU A 212 8.71 -7.81 2.62
CA GLU A 212 9.37 -8.86 1.80
C GLU A 212 9.60 -10.11 2.68
N ILE A 213 9.10 -11.25 2.24
CA ILE A 213 9.27 -12.55 2.94
C ILE A 213 9.11 -13.69 1.93
N THR A 214 9.68 -14.85 2.24
CA THR A 214 9.46 -16.07 1.45
C THR A 214 9.05 -17.17 2.42
N LEU A 215 7.90 -17.78 2.13
CA LEU A 215 7.40 -18.99 2.83
C LEU A 215 7.33 -20.12 1.82
N THR A 216 7.91 -21.26 2.15
CA THR A 216 7.84 -22.43 1.26
C THR A 216 7.61 -23.67 2.12
N TRP A 217 6.76 -24.56 1.64
CA TRP A 217 6.60 -25.90 2.22
C TRP A 217 7.51 -26.85 1.44
N GLN A 218 8.19 -27.73 2.16
CA GLN A 218 9.05 -28.77 1.56
C GLN A 218 8.54 -30.13 2.04
N ARG A 219 8.65 -31.14 1.17
CA ARG A 219 8.41 -32.56 1.53
C ARG A 219 9.76 -33.24 1.39
N ASP A 220 10.27 -33.77 2.51
CA ASP A 220 11.65 -34.34 2.55
C ASP A 220 12.64 -33.33 1.95
N GLY A 221 12.51 -32.06 2.30
CA GLY A 221 13.46 -31.01 1.88
C GLY A 221 13.38 -30.64 0.39
N GLU A 222 12.33 -31.04 -0.33
CA GLU A 222 12.09 -30.59 -1.73
C GLU A 222 10.87 -29.64 -1.76
N ASP A 223 11.01 -28.46 -2.39
CA ASP A 223 9.93 -27.44 -2.45
C ASP A 223 8.68 -28.04 -3.09
N GLN A 224 7.50 -27.71 -2.54
CA GLN A 224 6.17 -28.20 -3.00
C GLN A 224 5.42 -27.04 -3.68
N THR A 225 6.08 -26.40 -4.63
CA THR A 225 5.60 -25.17 -5.32
C THR A 225 4.16 -25.38 -5.80
N GLN A 226 3.92 -26.40 -6.64
CA GLN A 226 2.61 -26.58 -7.32
C GLN A 226 1.50 -26.97 -6.33
N ASP A 227 1.78 -27.28 -5.05
CA ASP A 227 0.75 -27.80 -4.10
C ASP A 227 0.50 -26.84 -2.92
N THR A 228 1.16 -25.67 -2.88
CA THR A 228 1.11 -24.73 -1.74
C THR A 228 0.10 -23.62 -2.04
N GLU A 229 -0.86 -23.41 -1.13
CA GLU A 229 -1.73 -22.20 -1.14
C GLU A 229 -0.96 -21.10 -0.37
N LEU A 230 -0.70 -19.97 -1.01
CA LEU A 230 0.08 -18.87 -0.45
C LEU A 230 -0.85 -17.65 -0.50
N VAL A 231 -1.14 -17.02 0.63
CA VAL A 231 -1.95 -15.78 0.62
C VAL A 231 -1.00 -14.60 0.36
N GLU A 232 -1.57 -13.55 -0.21
CA GLU A 232 -0.77 -12.33 -0.41
C GLU A 232 -0.42 -11.73 0.95
N THR A 233 0.78 -11.17 1.03
CA THR A 233 1.25 -10.48 2.25
C THR A 233 0.26 -9.37 2.58
N ARG A 234 -0.10 -9.27 3.85
CA ARG A 234 -1.20 -8.38 4.28
C ARG A 234 -0.77 -7.60 5.53
N PRO A 235 -1.24 -6.36 5.68
CA PRO A 235 -0.89 -5.54 6.84
C PRO A 235 -1.64 -5.97 8.10
N ALA A 236 -0.92 -6.04 9.22
CA ALA A 236 -1.55 -6.34 10.52
C ALA A 236 -2.35 -5.14 11.04
N GLY A 237 -1.98 -3.91 10.62
CA GLY A 237 -2.60 -2.67 11.12
C GLY A 237 -1.72 -1.92 12.11
N ASP A 238 -0.63 -2.52 12.56
CA ASP A 238 0.30 -1.94 13.57
C ASP A 238 1.65 -1.66 12.92
N ARG A 239 1.69 -1.55 11.60
CA ARG A 239 2.87 -1.29 10.74
C ARG A 239 3.62 -2.57 10.39
N THR A 240 3.23 -3.73 10.93
CA THR A 240 3.86 -5.01 10.58
C THR A 240 2.93 -5.78 9.64
N PHE A 241 3.43 -6.90 9.14
CA PHE A 241 2.82 -7.69 8.06
C PHE A 241 2.62 -9.13 8.53
N GLN A 242 1.78 -9.82 7.77
CA GLN A 242 1.37 -11.23 7.98
C GLN A 242 1.40 -11.95 6.65
N LYS A 243 1.66 -13.26 6.70
CA LYS A 243 1.55 -14.13 5.54
C LYS A 243 1.37 -15.55 6.05
N TRP A 244 0.69 -16.38 5.29
CA TRP A 244 0.70 -17.83 5.56
C TRP A 244 0.75 -18.62 4.26
N ALA A 245 1.25 -19.84 4.38
CA ALA A 245 1.35 -20.84 3.32
C ALA A 245 0.74 -22.13 3.84
N ALA A 246 -0.06 -22.81 3.01
CA ALA A 246 -0.73 -24.06 3.46
C ALA A 246 -0.53 -25.17 2.42
N VAL A 247 -0.46 -26.40 2.92
CA VAL A 247 -0.34 -27.60 2.06
C VAL A 247 -1.29 -28.65 2.60
N VAL A 248 -1.98 -29.36 1.71
CA VAL A 248 -2.82 -30.50 2.12
C VAL A 248 -1.98 -31.77 2.02
N VAL A 249 -1.98 -32.56 3.10
CA VAL A 249 -1.08 -33.73 3.20
C VAL A 249 -1.90 -34.94 3.61
N PRO A 250 -1.37 -36.16 3.37
CA PRO A 250 -2.02 -37.37 3.89
C PRO A 250 -1.87 -37.41 5.42
N SER A 251 -2.96 -37.73 6.09
CA SER A 251 -3.00 -37.92 7.55
C SER A 251 -1.95 -38.96 7.93
N GLY A 252 -1.10 -38.63 8.91
CA GLY A 252 -0.02 -39.51 9.38
C GLY A 252 1.28 -39.32 8.62
N GLU A 253 1.33 -38.47 7.60
CA GLU A 253 2.56 -38.10 6.87
C GLU A 253 3.03 -36.68 7.17
N GLU A 254 2.43 -36.00 8.15
CA GLU A 254 2.78 -34.59 8.49
C GLU A 254 4.28 -34.46 8.75
N GLN A 255 4.91 -35.47 9.35
CA GLN A 255 6.32 -35.37 9.78
C GLN A 255 7.25 -35.20 8.58
N ARG A 256 6.82 -35.50 7.35
CA ARG A 256 7.67 -35.34 6.14
C ARG A 256 7.74 -33.87 5.69
N TYR A 257 6.92 -33.00 6.29
CA TYR A 257 6.75 -31.62 5.77
C TYR A 257 7.41 -30.61 6.69
N THR A 258 8.13 -29.67 6.08
CA THR A 258 8.75 -28.54 6.80
C THR A 258 8.41 -27.25 6.07
N CYS A 259 8.23 -26.19 6.86
CA CYS A 259 8.01 -24.83 6.34
C CYS A 259 9.31 -24.05 6.48
N HIS A 260 9.71 -23.39 5.39
CA HIS A 260 10.98 -22.63 5.32
C HIS A 260 10.64 -21.16 5.25
N VAL A 261 11.21 -20.38 6.14
CA VAL A 261 10.92 -18.93 6.27
C VAL A 261 12.21 -18.16 6.03
N GLN A 262 12.18 -17.25 5.05
CA GLN A 262 13.30 -16.33 4.77
C GLN A 262 12.80 -14.91 5.00
N HIS A 263 13.45 -14.19 5.90
CA HIS A 263 13.14 -12.77 6.17
C HIS A 263 14.42 -12.05 6.60
N GLU A 264 14.58 -10.79 6.22
CA GLU A 264 15.78 -9.98 6.58
C GLU A 264 16.00 -9.92 8.09
N GLY A 265 14.95 -10.00 8.92
CA GLY A 265 15.00 -9.86 10.39
C GLY A 265 15.48 -11.14 11.10
N LEU A 266 15.44 -12.28 10.41
CA LEU A 266 15.86 -13.59 10.98
C LEU A 266 17.38 -13.67 10.97
N PRO A 267 18.00 -14.10 12.09
CA PRO A 267 19.43 -14.37 12.11
C PRO A 267 19.80 -15.36 11.00
N LYS A 268 18.97 -16.39 10.79
CA LYS A 268 19.15 -17.32 9.65
C LYS A 268 17.77 -17.84 9.27
N PRO A 269 17.62 -18.40 8.06
CA PRO A 269 16.37 -18.98 7.59
C PRO A 269 15.87 -20.02 8.61
N LEU A 270 14.57 -20.00 8.87
CA LEU A 270 13.89 -20.90 9.83
C LEU A 270 13.38 -22.11 9.09
N THR A 271 13.44 -23.26 9.75
CA THR A 271 12.75 -24.50 9.36
C THR A 271 11.76 -24.81 10.47
N LEU A 272 10.48 -24.89 10.15
CA LEU A 272 9.39 -25.14 11.12
C LEU A 272 8.69 -26.44 10.77
N ARG A 273 7.94 -27.08 11.68
N ARG A 273 8.04 -27.01 11.77
CA ARG A 273 7.21 -28.37 11.69
CA ARG A 273 7.25 -28.25 11.56
C ARG A 273 6.03 -28.23 12.63
C ARG A 273 6.09 -28.24 12.56
N TRP A 274 5.12 -29.10 12.31
CA TRP A 274 3.95 -29.21 13.21
C TRP A 274 4.43 -29.73 14.57
N GLU A 275 4.45 -28.90 15.59
CA GLU A 275 4.95 -29.30 16.93
C GLU A 275 4.43 -28.33 17.98
N MET B 1 -12.36 2.01 -20.05
CA MET B 1 -11.44 2.51 -18.97
C MET B 1 -10.99 1.33 -18.08
N ILE B 2 -9.81 1.41 -17.44
CA ILE B 2 -9.27 0.31 -16.57
C ILE B 2 -10.24 0.09 -15.42
N GLN B 3 -10.66 -1.17 -15.24
CA GLN B 3 -11.43 -1.62 -14.05
C GLN B 3 -10.78 -2.92 -13.59
N ARG B 4 -10.27 -2.93 -12.36
CA ARG B 4 -9.63 -4.11 -11.73
CA ARG B 4 -9.61 -4.10 -11.72
C ARG B 4 -10.45 -4.54 -10.51
N THR B 5 -10.75 -5.83 -10.45
CA THR B 5 -11.58 -6.41 -9.34
C THR B 5 -10.78 -6.48 -8.05
N PRO B 6 -11.33 -6.04 -6.89
CA PRO B 6 -10.61 -6.14 -5.62
C PRO B 6 -10.39 -7.58 -5.16
N LYS B 7 -9.19 -7.80 -4.61
CA LYS B 7 -8.86 -8.96 -3.77
C LYS B 7 -9.27 -8.62 -2.36
N ILE B 8 -9.76 -9.60 -1.61
CA ILE B 8 -10.24 -9.38 -0.23
C ILE B 8 -9.64 -10.44 0.68
N GLN B 9 -9.07 -10.01 1.80
CA GLN B 9 -8.72 -10.90 2.93
C GLN B 9 -9.34 -10.35 4.22
N VAL B 10 -9.95 -11.23 5.02
CA VAL B 10 -10.52 -10.88 6.35
C VAL B 10 -9.77 -11.70 7.38
N TYR B 11 -9.32 -11.05 8.45
CA TYR B 11 -8.36 -11.69 9.39
C TYR B 11 -8.26 -10.83 10.63
N SER B 12 -7.72 -11.38 11.72
CA SER B 12 -7.45 -10.63 12.95
C SER B 12 -5.98 -10.19 13.00
N ARG B 13 -5.69 -9.09 13.69
CA ARG B 13 -4.32 -8.56 13.90
C ARG B 13 -3.48 -9.61 14.65
N HIS B 14 -4.06 -10.18 15.71
CA HIS B 14 -3.39 -11.18 16.60
C HIS B 14 -4.16 -12.49 16.51
N PRO B 15 -3.52 -13.66 16.76
CA PRO B 15 -4.24 -14.92 16.83
C PRO B 15 -5.42 -14.76 17.79
N ALA B 16 -6.59 -15.23 17.36
CA ALA B 16 -7.86 -15.00 18.07
C ALA B 16 -7.83 -15.82 19.36
N GLU B 17 -8.24 -15.18 20.45
CA GLU B 17 -8.47 -15.84 21.76
CA GLU B 17 -8.47 -15.84 21.76
C GLU B 17 -9.80 -15.32 22.30
N ASN B 18 -10.79 -16.20 22.44
CA ASN B 18 -12.13 -15.81 22.91
C ASN B 18 -11.94 -14.96 24.18
N GLY B 19 -12.63 -13.83 24.24
CA GLY B 19 -12.64 -12.92 25.41
C GLY B 19 -11.47 -11.96 25.46
N LYS B 20 -10.54 -12.02 24.50
CA LYS B 20 -9.33 -11.15 24.51
C LYS B 20 -9.46 -10.12 23.39
N SER B 21 -9.25 -8.84 23.73
CA SER B 21 -9.34 -7.68 22.80
C SER B 21 -8.40 -7.88 21.60
N ASN B 22 -8.87 -7.57 20.39
CA ASN B 22 -8.12 -7.80 19.13
C ASN B 22 -8.53 -6.69 18.13
N PHE B 23 -8.06 -6.77 16.89
CA PHE B 23 -8.55 -5.96 15.75
C PHE B 23 -9.02 -6.91 14.65
N LEU B 24 -10.18 -6.62 14.09
CA LEU B 24 -10.71 -7.31 12.90
C LEU B 24 -10.33 -6.46 11.69
N ASN B 25 -9.68 -7.09 10.73
CA ASN B 25 -9.14 -6.45 9.50
C ASN B 25 -9.88 -6.98 8.26
N CYS B 26 -10.12 -6.07 7.33
CA CYS B 26 -10.54 -6.42 5.96
C CYS B 26 -9.62 -5.65 5.03
N TYR B 27 -8.73 -6.37 4.34
CA TYR B 27 -7.74 -5.81 3.41
C TYR B 27 -8.26 -5.97 2.00
N VAL B 28 -8.48 -4.85 1.32
CA VAL B 28 -8.97 -4.83 -0.08
CA VAL B 28 -8.98 -4.80 -0.08
C VAL B 28 -7.84 -4.26 -0.94
N SER B 29 -7.48 -4.96 -1.99
CA SER B 29 -6.28 -4.58 -2.78
C SER B 29 -6.48 -4.90 -4.25
N GLY B 30 -5.61 -4.37 -5.09
CA GLY B 30 -5.57 -4.72 -6.51
C GLY B 30 -6.71 -4.10 -7.31
N PHE B 31 -7.39 -3.07 -6.79
CA PHE B 31 -8.63 -2.59 -7.44
C PHE B 31 -8.40 -1.25 -8.16
N HIS B 32 -9.29 -0.96 -9.10
CA HIS B 32 -9.33 0.32 -9.86
C HIS B 32 -10.71 0.41 -10.49
N PRO B 33 -11.43 1.56 -10.44
CA PRO B 33 -10.97 2.79 -9.78
C PRO B 33 -11.10 2.71 -8.25
N SER B 34 -10.78 3.80 -7.54
CA SER B 34 -10.60 3.81 -6.07
C SER B 34 -11.94 3.85 -5.33
N ASP B 35 -13.03 4.23 -5.99
CA ASP B 35 -14.38 4.26 -5.39
C ASP B 35 -14.74 2.85 -4.92
N ILE B 36 -14.95 2.64 -3.63
CA ILE B 36 -15.21 1.28 -3.08
C ILE B 36 -15.97 1.45 -1.78
N GLU B 37 -16.83 0.48 -1.49
CA GLU B 37 -17.61 0.47 -0.24
C GLU B 37 -17.22 -0.81 0.49
N VAL B 38 -16.78 -0.65 1.73
CA VAL B 38 -16.33 -1.77 2.58
C VAL B 38 -17.04 -1.63 3.92
N ASP B 39 -17.80 -2.65 4.30
CA ASP B 39 -18.41 -2.72 5.65
C ASP B 39 -17.91 -3.97 6.36
N LEU B 40 -17.64 -3.83 7.66
CA LEU B 40 -17.42 -5.00 8.54
C LEU B 40 -18.77 -5.32 9.18
N LEU B 41 -19.08 -6.61 9.24
CA LEU B 41 -20.39 -7.08 9.75
C LEU B 41 -20.15 -7.95 10.98
N LYS B 42 -20.99 -7.76 12.00
CA LYS B 42 -21.07 -8.64 13.18
C LYS B 42 -22.46 -9.26 13.17
N ASN B 43 -22.53 -10.58 12.98
CA ASN B 43 -23.80 -11.34 12.92
C ASN B 43 -24.69 -10.73 11.84
N GLY B 44 -24.12 -10.33 10.69
CA GLY B 44 -24.90 -9.80 9.54
C GLY B 44 -25.17 -8.31 9.61
N GLU B 45 -24.87 -7.63 10.73
CA GLU B 45 -25.22 -6.21 10.93
C GLU B 45 -23.96 -5.36 10.77
N ARG B 46 -24.13 -4.19 10.18
CA ARG B 46 -22.98 -3.31 9.95
C ARG B 46 -22.39 -2.79 11.26
N ILE B 47 -21.08 -2.91 11.40
CA ILE B 47 -20.37 -2.37 12.56
C ILE B 47 -20.16 -0.88 12.32
N GLU B 48 -20.43 -0.06 13.34
CA GLU B 48 -20.28 1.40 13.21
C GLU B 48 -18.87 1.81 13.62
N LYS B 49 -18.43 2.97 13.18
CA LYS B 49 -17.13 3.55 13.62
C LYS B 49 -15.95 2.71 13.14
N VAL B 50 -16.15 1.94 12.10
CA VAL B 50 -15.03 1.21 11.44
C VAL B 50 -14.10 2.26 10.83
N GLU B 51 -12.79 2.07 10.96
CA GLU B 51 -11.76 3.00 10.42
C GLU B 51 -11.09 2.36 9.21
N HIS B 52 -10.40 3.18 8.44
CA HIS B 52 -9.59 2.66 7.31
C HIS B 52 -8.31 3.45 7.18
N SER B 53 -7.35 2.80 6.56
CA SER B 53 -6.04 3.36 6.15
C SER B 53 -6.26 4.43 5.09
N ASP B 54 -5.23 5.25 4.92
CA ASP B 54 -5.19 6.31 3.89
C ASP B 54 -5.02 5.65 2.52
N LEU B 55 -5.78 6.12 1.55
CA LEU B 55 -5.74 5.56 0.18
C LEU B 55 -4.30 5.58 -0.35
N SER B 56 -3.84 4.41 -0.75
CA SER B 56 -2.47 4.15 -1.26
CA SER B 56 -2.48 4.23 -1.33
C SER B 56 -2.59 3.25 -2.49
N PHE B 57 -1.49 3.01 -3.17
CA PHE B 57 -1.51 2.12 -4.34
C PHE B 57 -0.15 1.49 -4.55
N SER B 58 -0.20 0.39 -5.28
CA SER B 58 0.95 -0.48 -5.60
C SER B 58 1.66 0.02 -6.84
N LYS B 59 2.80 -0.56 -7.17
CA LYS B 59 3.60 -0.04 -8.31
C LYS B 59 2.83 -0.22 -9.64
N ASP B 60 1.80 -1.08 -9.71
CA ASP B 60 0.95 -1.31 -10.92
C ASP B 60 -0.25 -0.35 -10.90
N TRP B 61 -0.23 0.63 -10.01
CA TRP B 61 -1.25 1.70 -9.83
C TRP B 61 -2.54 1.19 -9.18
N SER B 62 -2.65 -0.09 -8.83
CA SER B 62 -3.88 -0.62 -8.21
C SER B 62 -3.93 -0.20 -6.74
N PHE B 63 -5.12 0.15 -6.28
CA PHE B 63 -5.34 0.70 -4.93
C PHE B 63 -5.38 -0.38 -3.87
N TYR B 64 -5.07 -0.01 -2.63
CA TYR B 64 -5.29 -0.90 -1.46
C TYR B 64 -5.73 -0.05 -0.27
N LEU B 65 -6.57 -0.66 0.56
CA LEU B 65 -7.12 -0.09 1.80
C LEU B 65 -7.22 -1.18 2.84
N LEU B 66 -6.95 -0.83 4.09
CA LEU B 66 -7.23 -1.70 5.25
C LEU B 66 -8.38 -1.07 6.03
N TYR B 67 -9.48 -1.81 6.18
CA TYR B 67 -10.61 -1.45 7.07
C TYR B 67 -10.45 -2.26 8.35
N TYR B 68 -10.66 -1.63 9.49
CA TYR B 68 -10.41 -2.34 10.76
C TYR B 68 -11.30 -1.78 11.88
N THR B 69 -11.48 -2.63 12.88
CA THR B 69 -12.23 -2.26 14.09
C THR B 69 -11.72 -3.08 15.28
N GLU B 70 -11.74 -2.47 16.45
CA GLU B 70 -11.38 -3.20 17.68
C GLU B 70 -12.52 -4.17 17.96
N PHE B 71 -12.21 -5.40 18.32
CA PHE B 71 -13.26 -6.38 18.66
C PHE B 71 -12.73 -7.43 19.63
N THR B 72 -13.66 -8.03 20.35
CA THR B 72 -13.33 -9.15 21.25
C THR B 72 -14.01 -10.39 20.68
N PRO B 73 -13.28 -11.36 20.09
CA PRO B 73 -13.91 -12.52 19.51
C PRO B 73 -14.51 -13.44 20.59
N THR B 74 -15.57 -14.14 20.21
CA THR B 74 -16.24 -15.15 21.06
C THR B 74 -16.50 -16.40 20.24
N GLU B 75 -17.00 -17.46 20.88
CA GLU B 75 -17.32 -18.71 20.17
C GLU B 75 -18.38 -18.47 19.10
N LYS B 76 -19.42 -17.68 19.37
CA LYS B 76 -20.67 -17.73 18.58
C LYS B 76 -20.78 -16.55 17.61
N ASP B 77 -20.11 -15.43 17.87
CA ASP B 77 -20.21 -14.19 17.05
C ASP B 77 -19.55 -14.42 15.70
N GLU B 78 -20.28 -14.09 14.63
CA GLU B 78 -19.82 -14.29 13.23
C GLU B 78 -19.43 -12.92 12.67
N TYR B 79 -18.26 -12.86 12.05
CA TYR B 79 -17.75 -11.60 11.46
C TYR B 79 -17.53 -11.82 9.96
N ALA B 80 -17.69 -10.74 9.21
CA ALA B 80 -17.52 -10.78 7.75
C ALA B 80 -17.16 -9.40 7.25
N CYS B 81 -16.64 -9.37 6.04
CA CYS B 81 -16.40 -8.13 5.27
C CYS B 81 -17.29 -8.15 4.03
N ARG B 82 -17.99 -7.05 3.76
CA ARG B 82 -18.83 -6.88 2.57
C ARG B 82 -18.28 -5.77 1.70
N VAL B 83 -17.98 -6.07 0.44
CA VAL B 83 -17.35 -5.12 -0.49
C VAL B 83 -18.27 -4.90 -1.70
N ASN B 84 -18.44 -3.65 -2.07
CA ASN B 84 -19.12 -3.22 -3.31
C ASN B 84 -18.12 -2.41 -4.14
N HIS B 85 -18.07 -2.71 -5.43
CA HIS B 85 -17.14 -2.07 -6.39
C HIS B 85 -17.78 -2.18 -7.77
N VAL B 86 -17.44 -1.28 -8.69
CA VAL B 86 -18.05 -1.30 -10.04
C VAL B 86 -17.80 -2.64 -10.73
N THR B 87 -16.72 -3.35 -10.41
CA THR B 87 -16.35 -4.64 -11.03
C THR B 87 -17.19 -5.80 -10.49
N LEU B 88 -17.94 -5.64 -9.39
CA LEU B 88 -18.66 -6.76 -8.73
C LEU B 88 -20.14 -6.65 -9.10
N SER B 89 -20.73 -7.69 -9.66
CA SER B 89 -22.15 -7.63 -10.09
C SER B 89 -23.05 -7.77 -8.86
N GLN B 90 -22.52 -8.28 -7.77
CA GLN B 90 -23.20 -8.25 -6.47
C GLN B 90 -22.14 -8.05 -5.39
N PRO B 91 -22.55 -7.69 -4.16
CA PRO B 91 -21.61 -7.50 -3.06
C PRO B 91 -20.83 -8.80 -2.82
N LYS B 92 -19.54 -8.64 -2.55
CA LYS B 92 -18.68 -9.78 -2.19
C LYS B 92 -18.61 -9.85 -0.67
N ILE B 93 -19.05 -10.96 -0.10
CA ILE B 93 -19.03 -11.16 1.37
C ILE B 93 -18.01 -12.25 1.67
N VAL B 94 -17.04 -11.91 2.49
CA VAL B 94 -15.99 -12.87 2.94
C VAL B 94 -16.11 -13.00 4.44
N LYS B 95 -16.33 -14.22 4.92
CA LYS B 95 -16.50 -14.52 6.36
C LYS B 95 -15.12 -14.59 7.02
N TRP B 96 -15.04 -14.09 8.25
CA TRP B 96 -13.85 -14.24 9.10
C TRP B 96 -13.75 -15.72 9.51
N ASP B 97 -12.57 -16.31 9.28
CA ASP B 97 -12.19 -17.64 9.80
C ASP B 97 -10.95 -17.42 10.64
N ARG B 98 -11.01 -17.68 11.95
CA ARG B 98 -9.86 -17.43 12.87
C ARG B 98 -8.65 -18.29 12.48
N ASP B 99 -8.80 -19.31 11.62
CA ASP B 99 -7.69 -20.19 11.17
C ASP B 99 -7.11 -19.71 9.83
N MET B 100 -7.51 -18.52 9.35
CA MET B 100 -6.95 -17.96 8.09
C MET B 100 -6.73 -16.45 8.21
N GLU C 1 10.21 15.07 2.64
CA GLU C 1 9.29 16.19 2.37
C GLU C 1 8.88 16.13 0.90
N PRO C 2 7.64 16.53 0.58
CA PRO C 2 7.14 16.46 -0.80
C PRO C 2 7.80 17.51 -1.69
N ARG C 3 7.77 17.23 -2.99
CA ARG C 3 8.24 18.15 -4.04
C ARG C 3 7.26 19.30 -4.21
N SEP C 4 7.81 20.50 -4.33
CA SEP C 4 6.90 21.65 -4.71
CA SEP C 4 6.86 21.62 -4.68
CB SEP C 4 7.67 22.93 -4.82
CB SEP C 4 7.58 22.94 -4.58
OG SEP C 4 8.33 23.17 -3.60
OG SEP C 4 8.47 23.04 -5.70
C SEP C 4 6.22 21.39 -6.09
O SEP C 4 6.75 20.79 -7.15
P SEP C 4 9.29 24.44 -3.51
P SEP C 4 9.36 24.38 -5.83
O1P SEP C 4 9.84 24.34 -2.11
O1P SEP C 4 9.94 24.52 -4.43
O2P SEP C 4 10.28 24.27 -4.60
O2P SEP C 4 10.38 24.11 -6.91
O3P SEP C 4 8.39 25.62 -3.70
O3P SEP C 4 8.39 25.48 -6.19
N PRO C 5 4.95 21.80 -6.25
CA PRO C 5 4.28 21.57 -7.49
C PRO C 5 4.88 22.47 -8.58
N SER C 6 4.82 21.96 -9.79
CA SER C 6 5.23 22.83 -10.91
C SER C 6 4.09 22.82 -11.92
N HIS C 7 4.41 22.58 -13.18
CA HIS C 7 3.38 22.77 -14.23
C HIS C 7 2.30 21.69 -14.25
N SER C 8 1.14 22.11 -14.74
CA SER C 8 0.03 21.18 -15.02
C SER C 8 0.39 20.39 -16.29
N MET C 9 -0.32 19.32 -16.50
CA MET C 9 -0.11 18.43 -17.67
C MET C 9 -0.73 19.08 -18.92
C1 GOL D . 6.36 0.80 -1.01
O1 GOL D . 6.73 2.04 -1.60
C2 GOL D . 5.48 0.98 0.21
O2 GOL D . 5.24 -0.28 0.85
C3 GOL D . 4.15 1.64 -0.12
O3 GOL D . 3.32 0.84 -0.97
C1 GOL E . -0.04 16.52 -12.31
O1 GOL E . -0.88 17.62 -12.00
C2 GOL E . 1.44 16.88 -12.23
O2 GOL E . 1.88 16.85 -10.87
C3 GOL E . 1.77 18.24 -12.81
O3 GOL E . 3.04 18.71 -12.38
C1 GOL F . 7.33 -1.97 12.35
O1 GOL F . 6.84 -1.39 13.56
C2 GOL F . 8.27 -1.03 11.62
O2 GOL F . 9.41 -0.79 12.44
C3 GOL F . 7.64 0.29 11.25
O3 GOL F . 8.64 1.21 10.81
C1 GOL G . -9.30 -14.70 3.34
O1 GOL G . -10.30 -13.93 3.99
C2 GOL G . -8.19 -15.09 4.31
O2 GOL G . -7.69 -13.92 4.95
C3 GOL G . -7.06 -15.81 3.65
O3 GOL G . -6.58 -15.08 2.53
C1 GOL H . -16.34 -17.30 14.74
O1 GOL H . -17.24 -16.93 13.70
C2 GOL H . -15.38 -18.36 14.28
O2 GOL H . -14.73 -18.93 15.40
C3 GOL H . -14.35 -17.83 13.29
O3 GOL H . -13.52 -18.86 12.77
C1 GOL I . -19.41 2.71 -3.93
O1 GOL I . -18.31 3.32 -3.27
C2 GOL I . -18.94 1.91 -5.13
O2 GOL I . -18.99 2.73 -6.30
C3 GOL I . -19.76 0.67 -5.36
O3 GOL I . -19.63 0.20 -6.70
C1 GOL J . -3.71 -1.20 -15.23
O1 GOL J . -4.02 -0.27 -14.19
C2 GOL J . -2.28 -1.68 -15.14
O2 GOL J . -1.96 -2.54 -16.24
C3 GOL J . -1.28 -0.55 -15.12
O3 GOL J . -0.19 -0.84 -14.24
#